data_6B0O
#
_entry.id   6B0O
#
_cell.length_a   36.927
_cell.length_b   42.657
_cell.length_c   71.821
_cell.angle_alpha   88.28
_cell.angle_beta   77.71
_cell.angle_gamma   85.81
#
_symmetry.space_group_name_H-M   'P 1'
#
loop_
_entity.id
_entity.type
_entity.pdbx_description
1 polymer 'Wilms tumor protein'
2 polymer "DNA (5'-D(*AP*GP*CP*GP*TP*GP*GP*GP*AP*GP*TP*GP*T)-3')"
3 polymer "DNA (5'-D(*TP*AP*CP*AP*CP*TP*CP*CP*CP*AP*CP*GP*C)-3')"
4 non-polymer 'ZINC ION'
5 non-polymer 1,2-ETHANEDIOL
6 water water
#
loop_
_entity_poly.entity_id
_entity_poly.type
_entity_poly.pdbx_seq_one_letter_code
_entity_poly.pdbx_strand_id
1 'polypeptide(L)'
;HMRPFMCAYPGCNKRYFKLSHLQMHSRKHTGEKPYQCDFKDCERRFSRSDQLKRHQRRHTGVKPFQCKTCQRKFSRSDHL
KTHTRTHTGEKPFSCRWPSCQKKFARSDELVRHHNMHQR
;
A,D
2 'polydeoxyribonucleotide' (DA)(DG)(DC)(DG)(DT)(DG)(DG)(DG)(DA)(DG)(DT)(DG)(DT) B,E
3 'polydeoxyribonucleotide' (DT)(DA)(DC)(DA)(DC)(DT)(DC)(DC)(DC)(DA)(DC)(DG)(DC) C,F
#
loop_
_chem_comp.id
_chem_comp.type
_chem_comp.name
_chem_comp.formula
DA DNA linking 2'-DEOXYADENOSINE-5'-MONOPHOSPHATE 'C10 H14 N5 O6 P'
DC DNA linking 2'-DEOXYCYTIDINE-5'-MONOPHOSPHATE 'C9 H14 N3 O7 P'
DG DNA linking 2'-DEOXYGUANOSINE-5'-MONOPHOSPHATE 'C10 H14 N5 O7 P'
DT DNA linking THYMIDINE-5'-MONOPHOSPHATE 'C10 H15 N2 O8 P'
EDO non-polymer 1,2-ETHANEDIOL 'C2 H6 O2'
ZN non-polymer 'ZINC ION' 'Zn 2'
#
# COMPACT_ATOMS: atom_id res chain seq x y z
N HIS A 1 -33.33 14.77 12.27
CA HIS A 1 -32.80 13.61 11.59
C HIS A 1 -33.23 13.59 10.13
N MET A 2 -33.90 14.66 9.70
CA MET A 2 -34.36 14.75 8.32
C MET A 2 -33.17 14.93 7.37
N ARG A 3 -33.21 14.19 6.26
CA ARG A 3 -32.14 14.24 5.28
C ARG A 3 -32.53 15.20 4.16
N PRO A 4 -31.90 16.37 4.05
CA PRO A 4 -32.37 17.36 3.07
C PRO A 4 -32.07 17.00 1.63
N PHE A 5 -31.05 16.20 1.36
CA PHE A 5 -30.60 15.91 0.01
C PHE A 5 -31.18 14.57 -0.42
N MET A 6 -32.26 14.62 -1.20
CA MET A 6 -32.97 13.43 -1.65
C MET A 6 -32.71 13.20 -3.13
N CYS A 7 -32.59 11.93 -3.51
CA CYS A 7 -32.44 11.58 -4.92
C CYS A 7 -33.80 11.57 -5.60
N ALA A 8 -33.88 12.19 -6.78
CA ALA A 8 -35.12 12.28 -7.53
C ALA A 8 -35.23 11.24 -8.64
N TYR A 9 -34.30 10.29 -8.69
CA TYR A 9 -34.35 9.27 -9.72
C TYR A 9 -35.57 8.37 -9.53
N PRO A 10 -36.24 7.99 -10.62
CA PRO A 10 -37.45 7.17 -10.47
C PRO A 10 -37.16 5.82 -9.81
N GLY A 11 -37.96 5.50 -8.81
CA GLY A 11 -37.81 4.25 -8.09
C GLY A 11 -36.72 4.23 -7.03
N CYS A 12 -36.14 5.39 -6.72
CA CYS A 12 -35.06 5.49 -5.74
C CYS A 12 -35.49 6.41 -4.62
N ASN A 13 -35.40 5.92 -3.38
CA ASN A 13 -35.79 6.68 -2.20
C ASN A 13 -34.60 7.03 -1.31
N LYS A 14 -33.41 7.15 -1.89
CA LYS A 14 -32.21 7.46 -1.12
C LYS A 14 -32.18 8.94 -0.76
N ARG A 15 -31.83 9.22 0.51
CA ARG A 15 -31.68 10.58 0.99
C ARG A 15 -30.42 10.64 1.85
N TYR A 16 -29.79 11.82 1.88
CA TYR A 16 -28.52 11.97 2.56
C TYR A 16 -28.48 13.29 3.32
N PHE A 17 -27.53 13.39 4.24
CA PHE A 17 -27.32 14.61 5.02
C PHE A 17 -26.39 15.60 4.36
N LYS A 18 -25.59 15.15 3.39
CA LYS A 18 -24.61 16.02 2.73
C LYS A 18 -24.85 15.99 1.22
N LEU A 19 -24.62 17.14 0.59
CA LEU A 19 -24.76 17.21 -0.87
C LEU A 19 -23.74 16.32 -1.56
N SER A 20 -22.54 16.22 -1.00
CA SER A 20 -21.50 15.38 -1.62
C SER A 20 -21.91 13.91 -1.62
N HIS A 21 -22.60 13.47 -0.57
CA HIS A 21 -23.08 12.09 -0.55
C HIS A 21 -24.12 11.86 -1.65
N LEU A 22 -25.04 12.80 -1.83
CA LEU A 22 -26.04 12.67 -2.89
C LEU A 22 -25.38 12.75 -4.27
N GLN A 23 -24.42 13.66 -4.44
CA GLN A 23 -23.72 13.77 -5.71
C GLN A 23 -22.96 12.50 -6.03
N MET A 24 -22.33 11.89 -5.02
CA MET A 24 -21.65 10.62 -5.23
C MET A 24 -22.65 9.52 -5.55
N HIS A 25 -23.78 9.48 -4.84
CA HIS A 25 -24.79 8.47 -5.10
C HIS A 25 -25.35 8.58 -6.51
N SER A 26 -25.48 9.80 -7.03
CA SER A 26 -26.03 10.00 -8.36
C SER A 26 -25.21 9.31 -9.44
N ARG A 27 -23.93 9.02 -9.17
CA ARG A 27 -23.11 8.30 -10.12
C ARG A 27 -23.57 6.87 -10.32
N LYS A 28 -24.33 6.32 -9.37
CA LYS A 28 -24.87 4.97 -9.55
C LYS A 28 -25.86 4.92 -10.71
N HIS A 29 -26.66 5.98 -10.86
CA HIS A 29 -27.65 6.02 -11.94
C HIS A 29 -27.03 6.37 -13.28
N THR A 30 -25.94 7.15 -13.28
CA THR A 30 -25.26 7.50 -14.50
C THR A 30 -24.18 6.51 -14.91
N GLY A 31 -23.70 5.70 -13.98
CA GLY A 31 -22.61 4.79 -14.26
C GLY A 31 -21.24 5.41 -14.28
N GLU A 32 -21.11 6.67 -13.86
CA GLU A 32 -19.82 7.35 -13.86
C GLU A 32 -18.91 6.74 -12.81
N LYS A 33 -17.77 6.23 -13.24
CA LYS A 33 -16.77 5.63 -12.35
C LYS A 33 -15.41 6.15 -12.77
N PRO A 34 -15.01 7.32 -12.28
CA PRO A 34 -13.80 7.97 -12.80
C PRO A 34 -12.49 7.34 -12.35
N TYR A 35 -12.52 6.43 -11.37
CA TYR A 35 -11.30 5.92 -10.76
C TYR A 35 -11.03 4.51 -11.30
N GLN A 36 -10.24 4.46 -12.37
CA GLN A 36 -9.92 3.23 -13.06
C GLN A 36 -8.64 2.61 -12.49
N CYS A 37 -8.62 1.27 -12.43
CA CYS A 37 -7.43 0.55 -12.00
C CYS A 37 -6.52 0.30 -13.19
N ASP A 38 -5.24 0.65 -13.05
CA ASP A 38 -4.28 0.57 -14.13
C ASP A 38 -3.26 -0.54 -13.94
N PHE A 39 -3.53 -1.50 -13.06
CA PHE A 39 -2.63 -2.61 -12.81
C PHE A 39 -2.95 -3.77 -13.76
N LYS A 40 -1.99 -4.16 -14.57
CA LYS A 40 -2.01 -5.46 -15.28
C LYS A 40 -3.32 -5.68 -16.02
N ASP A 41 -3.67 -4.72 -16.88
CA ASP A 41 -4.85 -4.79 -17.74
C ASP A 41 -6.16 -4.93 -16.98
N CYS A 42 -6.21 -4.48 -15.72
CA CYS A 42 -7.42 -4.64 -14.92
C CYS A 42 -8.54 -3.78 -15.47
N GLU A 43 -9.76 -4.32 -15.45
CA GLU A 43 -10.94 -3.63 -15.96
C GLU A 43 -11.78 -3.00 -14.86
N ARG A 44 -11.38 -3.13 -13.61
CA ARG A 44 -12.16 -2.59 -12.50
C ARG A 44 -12.08 -1.07 -12.48
N ARG A 45 -13.20 -0.44 -12.16
CA ARG A 45 -13.26 1.01 -11.97
C ARG A 45 -14.33 1.32 -10.94
N PHE A 46 -14.18 2.46 -10.28
CA PHE A 46 -15.01 2.80 -9.13
C PHE A 46 -15.42 4.26 -9.20
N SER A 47 -16.54 4.58 -8.54
CA SER A 47 -16.99 5.95 -8.40
C SER A 47 -16.27 6.69 -7.28
N ARG A 48 -15.61 5.97 -6.38
CA ARG A 48 -14.93 6.55 -5.24
C ARG A 48 -13.45 6.17 -5.27
N SER A 49 -12.59 7.13 -4.91
CA SER A 49 -11.15 6.87 -4.94
C SER A 49 -10.72 5.89 -3.86
N ASP A 50 -11.37 5.93 -2.70
CA ASP A 50 -10.97 5.01 -1.62
C ASP A 50 -11.37 3.57 -1.94
N GLN A 51 -12.43 3.38 -2.74
CA GLN A 51 -12.77 2.03 -3.19
C GLN A 51 -11.72 1.49 -4.15
N LEU A 52 -11.18 2.36 -5.01
CA LEU A 52 -10.10 1.93 -5.90
C LEU A 52 -8.85 1.55 -5.11
N LYS A 53 -8.49 2.36 -4.11
CA LYS A 53 -7.28 2.08 -3.35
C LYS A 53 -7.39 0.77 -2.59
N ARG A 54 -8.56 0.49 -2.01
CA ARG A 54 -8.75 -0.80 -1.35
C ARG A 54 -8.66 -1.94 -2.36
N HIS A 55 -9.23 -1.75 -3.54
CA HIS A 55 -9.18 -2.79 -4.56
C HIS A 55 -7.74 -3.09 -4.98
N GLN A 56 -6.91 -2.06 -5.11
CA GLN A 56 -5.57 -2.25 -5.64
C GLN A 56 -4.67 -3.06 -4.71
N ARG A 57 -5.11 -3.33 -3.48
CA ARG A 57 -4.39 -4.26 -2.63
C ARG A 57 -4.40 -5.67 -3.19
N ARG A 58 -5.38 -5.99 -4.06
CA ARG A 58 -5.37 -7.28 -4.74
C ARG A 58 -4.11 -7.46 -5.58
N HIS A 59 -3.68 -6.39 -6.26
CA HIS A 59 -2.53 -6.47 -7.14
C HIS A 59 -1.21 -6.42 -6.37
N THR A 60 -1.12 -5.51 -5.39
CA THR A 60 0.11 -5.39 -4.60
C THR A 60 0.26 -6.51 -3.59
N GLY A 61 -0.83 -7.18 -3.21
CA GLY A 61 -0.76 -8.23 -2.21
C GLY A 61 -0.53 -7.75 -0.80
N VAL A 62 -0.65 -6.45 -0.55
CA VAL A 62 -0.36 -5.91 0.77
C VAL A 62 -1.45 -6.31 1.74
N LYS A 63 -1.04 -6.75 2.94
CA LYS A 63 -1.95 -7.09 4.04
C LYS A 63 -1.56 -6.21 5.22
N PRO A 64 -2.11 -4.99 5.31
CA PRO A 64 -1.60 -4.03 6.30
C PRO A 64 -2.04 -4.29 7.73
N PHE A 65 -3.06 -5.12 7.95
CA PHE A 65 -3.69 -5.28 9.26
C PHE A 65 -3.33 -6.65 9.82
N GLN A 66 -2.61 -6.66 10.94
CA GLN A 66 -2.06 -7.88 11.51
C GLN A 66 -2.76 -8.21 12.83
N CYS A 67 -3.16 -9.47 12.97
CA CYS A 67 -3.78 -9.93 14.21
C CYS A 67 -2.76 -9.95 15.34
N LYS A 68 -3.09 -9.32 16.46
CA LYS A 68 -2.18 -9.28 17.61
C LYS A 68 -2.16 -10.58 18.39
N THR A 69 -2.94 -11.58 18.01
CA THR A 69 -2.97 -12.87 18.69
C THR A 69 -2.19 -13.94 17.94
N CYS A 70 -2.48 -14.14 16.65
CA CYS A 70 -1.84 -15.19 15.86
C CYS A 70 -0.90 -14.64 14.79
N GLN A 71 -0.78 -13.32 14.66
CA GLN A 71 0.13 -12.63 13.74
C GLN A 71 -0.22 -12.83 12.27
N ARG A 72 -1.39 -13.38 11.97
CA ARG A 72 -1.83 -13.44 10.57
C ARG A 72 -2.15 -12.04 10.08
N LYS A 73 -1.84 -11.78 8.82
CA LYS A 73 -2.04 -10.47 8.21
C LYS A 73 -3.22 -10.50 7.25
N PHE A 74 -3.90 -9.36 7.14
CA PHE A 74 -5.15 -9.29 6.38
C PHE A 74 -5.15 -8.03 5.53
N SER A 75 -5.84 -8.12 4.39
CA SER A 75 -5.90 -6.99 3.46
C SER A 75 -6.80 -5.87 3.95
N ARG A 76 -7.75 -6.17 4.83
CA ARG A 76 -8.76 -5.19 5.22
C ARG A 76 -8.99 -5.23 6.72
N SER A 77 -9.25 -4.06 7.31
CA SER A 77 -9.38 -3.95 8.76
C SER A 77 -10.67 -4.59 9.25
N ASP A 78 -11.75 -4.54 8.47
CA ASP A 78 -13.00 -5.15 8.90
C ASP A 78 -12.89 -6.67 8.91
N HIS A 79 -12.13 -7.23 7.98
CA HIS A 79 -11.92 -8.67 7.97
C HIS A 79 -10.96 -9.12 9.07
N LEU A 80 -10.00 -8.26 9.44
CA LEU A 80 -9.20 -8.54 10.62
C LEU A 80 -10.08 -8.59 11.86
N LYS A 81 -11.00 -7.63 11.99
CA LYS A 81 -11.85 -7.56 13.19
C LYS A 81 -12.67 -8.83 13.37
N THR A 82 -13.37 -9.26 12.33
CA THR A 82 -14.17 -10.48 12.45
C THR A 82 -13.28 -11.71 12.62
N HIS A 83 -12.07 -11.69 12.07
CA HIS A 83 -11.15 -12.80 12.29
C HIS A 83 -10.79 -12.94 13.76
N THR A 84 -10.54 -11.82 14.45
CA THR A 84 -10.14 -11.88 15.85
C THR A 84 -11.21 -12.48 16.74
N ARG A 85 -12.46 -12.52 16.28
CA ARG A 85 -13.52 -13.17 17.05
C ARG A 85 -13.32 -14.68 17.10
N THR A 86 -12.53 -15.25 16.20
CA THR A 86 -12.19 -16.67 16.28
C THR A 86 -11.30 -16.96 17.47
N HIS A 87 -10.61 -15.95 18.01
CA HIS A 87 -9.82 -16.12 19.23
C HIS A 87 -10.63 -15.79 20.48
N THR A 88 -11.33 -14.66 20.48
CA THR A 88 -12.06 -14.19 21.65
C THR A 88 -13.35 -14.98 21.89
N GLY A 89 -13.91 -15.59 20.86
CA GLY A 89 -15.19 -16.27 21.00
C GLY A 89 -16.39 -15.36 21.01
N GLU A 90 -16.21 -14.08 20.71
CA GLU A 90 -17.33 -13.14 20.67
C GLU A 90 -18.28 -13.49 19.54
N LYS A 91 -19.57 -13.64 19.88
CA LYS A 91 -20.61 -13.94 18.91
C LYS A 91 -21.79 -13.01 19.16
N PRO A 92 -21.75 -11.81 18.59
CA PRO A 92 -22.76 -10.79 18.91
C PRO A 92 -24.08 -10.94 18.18
N PHE A 93 -24.26 -12.00 17.38
CA PHE A 93 -25.47 -12.19 16.59
C PHE A 93 -26.20 -13.42 17.09
N SER A 94 -27.32 -13.20 17.78
CA SER A 94 -28.16 -14.27 18.31
C SER A 94 -29.37 -14.48 17.42
N CYS A 95 -29.89 -15.71 17.43
CA CYS A 95 -30.96 -16.07 16.49
C CYS A 95 -32.30 -15.49 16.92
N ARG A 96 -32.60 -15.53 18.21
CA ARG A 96 -33.85 -15.07 18.83
C ARG A 96 -35.04 -15.97 18.51
N TRP A 97 -34.84 -17.07 17.78
CA TRP A 97 -35.90 -18.05 17.61
C TRP A 97 -36.22 -18.67 18.97
N PRO A 98 -37.49 -19.02 19.23
CA PRO A 98 -37.87 -19.54 20.55
C PRO A 98 -36.99 -20.67 21.06
N SER A 99 -36.87 -21.75 20.30
CA SER A 99 -36.09 -22.90 20.76
C SER A 99 -34.60 -22.73 20.51
N CYS A 100 -34.22 -22.06 19.43
CA CYS A 100 -32.81 -21.97 19.05
C CYS A 100 -32.09 -20.95 19.93
N GLN A 101 -30.91 -21.33 20.39
CA GLN A 101 -30.07 -20.48 21.23
C GLN A 101 -28.66 -20.35 20.65
N LYS A 102 -28.53 -20.44 19.33
CA LYS A 102 -27.24 -20.39 18.69
C LYS A 102 -26.81 -18.95 18.45
N LYS A 103 -25.51 -18.69 18.56
CA LYS A 103 -24.94 -17.38 18.32
C LYS A 103 -23.87 -17.49 17.23
N PHE A 104 -23.58 -16.37 16.59
CA PHE A 104 -22.67 -16.35 15.45
C PHE A 104 -21.77 -15.12 15.52
N ALA A 105 -20.59 -15.25 14.92
CA ALA A 105 -19.60 -14.17 14.96
C ALA A 105 -19.90 -13.06 13.95
N ARG A 106 -20.56 -13.39 12.84
CA ARG A 106 -20.84 -12.41 11.80
C ARG A 106 -22.31 -12.42 11.46
N SER A 107 -22.77 -11.30 10.89
CA SER A 107 -24.20 -11.15 10.59
C SER A 107 -24.63 -12.09 9.47
N ASP A 108 -23.78 -12.30 8.46
CA ASP A 108 -24.14 -13.19 7.37
C ASP A 108 -24.23 -14.64 7.81
N GLU A 109 -23.54 -15.01 8.88
CA GLU A 109 -23.74 -16.34 9.47
C GLU A 109 -25.15 -16.48 10.03
N LEU A 110 -25.62 -15.45 10.73
CA LEU A 110 -26.97 -15.49 11.29
C LEU A 110 -28.03 -15.47 10.20
N VAL A 111 -27.77 -14.73 9.11
CA VAL A 111 -28.72 -14.66 8.00
C VAL A 111 -28.93 -16.04 7.39
N ARG A 112 -27.83 -16.76 7.14
CA ARG A 112 -27.94 -18.13 6.64
C ARG A 112 -28.68 -19.02 7.62
N HIS A 113 -28.41 -18.87 8.92
CA HIS A 113 -29.06 -19.70 9.91
C HIS A 113 -30.55 -19.41 10.01
N HIS A 114 -30.93 -18.14 9.88
CA HIS A 114 -32.34 -17.77 9.96
C HIS A 114 -33.15 -18.42 8.84
N ASN A 115 -32.53 -18.74 7.72
CA ASN A 115 -33.23 -19.37 6.60
C ASN A 115 -33.71 -20.78 6.92
N MET A 116 -33.22 -21.40 8.00
CA MET A 116 -33.67 -22.73 8.38
C MET A 116 -34.97 -22.71 9.18
N HIS A 117 -35.40 -21.55 9.65
CA HIS A 117 -36.59 -21.43 10.48
C HIS A 117 -37.79 -21.03 9.65
N GLN A 118 -38.93 -21.66 9.94
CA GLN A 118 -40.18 -21.35 9.26
C GLN A 118 -41.34 -21.71 10.19
N ARG A 119 -42.55 -21.40 9.74
CA ARG A 119 -43.77 -21.68 10.49
C ARG A 119 -43.72 -21.04 11.88
N ARG D 3 40.36 -6.81 -33.72
CA ARG D 3 39.44 -6.64 -32.61
C ARG D 3 40.18 -6.23 -31.34
N PRO D 4 40.41 -4.93 -31.18
CA PRO D 4 41.26 -4.46 -30.07
C PRO D 4 40.58 -4.50 -28.71
N PHE D 5 39.25 -4.60 -28.65
CA PHE D 5 38.51 -4.44 -27.41
C PHE D 5 38.05 -5.80 -26.91
N MET D 6 38.77 -6.36 -25.94
CA MET D 6 38.38 -7.61 -25.31
C MET D 6 37.57 -7.33 -24.05
N CYS D 7 36.53 -8.15 -23.84
CA CYS D 7 35.70 -8.01 -22.65
C CYS D 7 36.52 -8.24 -21.38
N ALA D 8 36.27 -7.41 -20.38
CA ALA D 8 37.00 -7.48 -19.12
C ALA D 8 36.38 -8.42 -18.10
N TYR D 9 35.23 -9.02 -18.41
CA TYR D 9 34.61 -9.94 -17.47
C TYR D 9 35.46 -11.21 -17.37
N PRO D 10 35.66 -11.72 -16.15
CA PRO D 10 36.56 -12.88 -15.97
C PRO D 10 36.08 -14.10 -16.73
N GLY D 11 36.93 -14.60 -17.62
CA GLY D 11 36.66 -15.84 -18.33
C GLY D 11 35.80 -15.70 -19.56
N CYS D 12 35.68 -14.50 -20.13
CA CYS D 12 34.84 -14.29 -21.31
C CYS D 12 35.66 -14.27 -22.58
N ASN D 13 36.67 -13.40 -22.66
CA ASN D 13 37.62 -13.31 -23.76
C ASN D 13 36.99 -12.90 -25.09
N LYS D 14 35.78 -12.34 -25.06
CA LYS D 14 35.16 -11.85 -26.28
C LYS D 14 35.84 -10.56 -26.74
N ARG D 15 36.08 -10.45 -28.04
CA ARG D 15 36.77 -9.30 -28.63
C ARG D 15 35.87 -8.65 -29.68
N TYR D 16 36.06 -7.34 -29.86
CA TYR D 16 35.22 -6.56 -30.76
C TYR D 16 36.05 -5.47 -31.43
N PHE D 17 35.56 -5.01 -32.58
CA PHE D 17 36.25 -3.98 -33.34
C PHE D 17 36.04 -2.58 -32.75
N LYS D 18 34.90 -2.34 -32.12
CA LYS D 18 34.56 -1.02 -31.61
C LYS D 18 34.21 -1.09 -30.13
N LEU D 19 34.50 -0.01 -29.41
CA LEU D 19 34.19 0.04 -27.99
C LEU D 19 32.68 0.00 -27.76
N SER D 20 31.90 0.60 -28.66
CA SER D 20 30.46 0.58 -28.51
C SER D 20 29.90 -0.82 -28.62
N HIS D 21 30.49 -1.65 -29.49
CA HIS D 21 30.06 -3.04 -29.59
C HIS D 21 30.32 -3.80 -28.30
N LEU D 22 31.50 -3.58 -27.70
CA LEU D 22 31.82 -4.23 -26.44
C LEU D 22 30.92 -3.72 -25.31
N GLN D 23 30.61 -2.43 -25.33
CA GLN D 23 29.75 -1.86 -24.30
C GLN D 23 28.39 -2.53 -24.28
N MET D 24 27.82 -2.81 -25.46
CA MET D 24 26.54 -3.51 -25.51
C MET D 24 26.67 -4.96 -25.07
N HIS D 25 27.76 -5.63 -25.48
CA HIS D 25 27.97 -7.01 -25.08
C HIS D 25 28.12 -7.15 -23.56
N SER D 26 28.84 -6.22 -22.93
CA SER D 26 29.16 -6.36 -21.52
C SER D 26 27.93 -6.34 -20.63
N ARG D 27 26.82 -5.76 -21.09
CA ARG D 27 25.62 -5.70 -20.27
C ARG D 27 25.01 -7.06 -20.02
N LYS D 28 25.36 -8.08 -20.82
CA LYS D 28 24.85 -9.42 -20.60
C LYS D 28 25.40 -10.03 -19.32
N HIS D 29 26.50 -9.50 -18.79
CA HIS D 29 27.11 -10.02 -17.58
C HIS D 29 26.52 -9.44 -16.31
N THR D 30 25.79 -8.34 -16.40
CA THR D 30 25.22 -7.71 -15.22
C THR D 30 24.02 -8.52 -14.72
N GLY D 31 23.65 -8.28 -13.47
CA GLY D 31 22.56 -9.03 -12.86
C GLY D 31 21.22 -8.70 -13.51
N GLU D 32 20.39 -9.72 -13.63
CA GLU D 32 19.08 -9.56 -14.26
C GLU D 32 18.13 -8.79 -13.34
N LYS D 33 17.09 -8.22 -13.94
CA LYS D 33 16.00 -7.54 -13.24
C LYS D 33 14.70 -8.20 -13.64
N PRO D 34 14.36 -9.35 -13.05
CA PRO D 34 13.20 -10.11 -13.51
C PRO D 34 11.86 -9.59 -13.05
N TYR D 35 11.82 -8.62 -12.14
CA TYR D 35 10.57 -8.12 -11.57
C TYR D 35 10.22 -6.79 -12.25
N GLN D 36 9.25 -6.84 -13.16
CA GLN D 36 8.84 -5.68 -13.93
C GLN D 36 7.52 -5.13 -13.41
N CYS D 37 7.39 -3.81 -13.38
CA CYS D 37 6.17 -3.17 -12.93
C CYS D 37 5.11 -3.28 -14.03
N ASP D 38 3.90 -3.69 -13.64
CA ASP D 38 2.80 -3.88 -14.57
C ASP D 38 1.76 -2.77 -14.50
N PHE D 39 2.10 -1.66 -13.84
CA PHE D 39 1.23 -0.49 -13.87
C PHE D 39 1.27 0.16 -15.25
N LYS D 40 0.16 0.77 -15.64
CA LYS D 40 0.02 1.31 -16.99
C LYS D 40 1.11 2.32 -17.30
N ASP D 41 1.78 2.10 -18.44
CA ASP D 41 2.81 2.98 -19.01
C ASP D 41 4.09 3.03 -18.17
N CYS D 42 4.23 2.20 -17.14
CA CYS D 42 5.46 2.10 -16.38
C CYS D 42 6.23 0.86 -16.81
N GLU D 43 7.49 1.04 -17.17
CA GLU D 43 8.34 -0.05 -17.66
C GLU D 43 9.50 -0.35 -16.72
N ARG D 44 9.44 0.12 -15.47
CA ARG D 44 10.55 -0.08 -14.55
C ARG D 44 10.70 -1.55 -14.19
N ARG D 45 11.96 -1.99 -14.10
CA ARG D 45 12.31 -3.34 -13.71
C ARG D 45 13.21 -3.30 -12.48
N PHE D 46 13.14 -4.33 -11.65
CA PHE D 46 13.89 -4.37 -10.40
C PHE D 46 14.53 -5.74 -10.21
N SER D 47 15.64 -5.75 -9.48
CA SER D 47 16.34 -7.00 -9.23
C SER D 47 15.61 -7.87 -8.22
N ARG D 48 14.90 -7.26 -7.27
CA ARG D 48 14.25 -7.99 -6.20
C ARG D 48 12.78 -7.59 -6.13
N SER D 49 11.94 -8.53 -5.68
CA SER D 49 10.50 -8.28 -5.64
C SER D 49 10.14 -7.23 -4.60
N ASP D 50 10.88 -7.15 -3.49
CA ASP D 50 10.57 -6.16 -2.47
C ASP D 50 10.86 -4.76 -2.96
N GLN D 51 11.82 -4.60 -3.88
CA GLN D 51 12.05 -3.30 -4.49
C GLN D 51 10.89 -2.92 -5.40
N LEU D 52 10.32 -3.89 -6.11
CA LEU D 52 9.16 -3.63 -6.94
C LEU D 52 7.95 -3.25 -6.09
N LYS D 53 7.72 -3.98 -5.00
CA LYS D 53 6.60 -3.67 -4.12
C LYS D 53 6.72 -2.28 -3.53
N ARG D 54 7.92 -1.90 -3.09
CA ARG D 54 8.14 -0.56 -2.57
C ARG D 54 7.90 0.49 -3.65
N HIS D 55 8.37 0.20 -4.88
CA HIS D 55 8.18 1.14 -5.98
C HIS D 55 6.71 1.36 -6.29
N GLN D 56 5.90 0.30 -6.28
CA GLN D 56 4.50 0.42 -6.66
C GLN D 56 3.68 1.21 -5.66
N ARG D 57 4.24 1.54 -4.48
CA ARG D 57 3.58 2.50 -3.60
C ARG D 57 3.49 3.88 -4.24
N ARG D 58 4.37 4.18 -5.20
CA ARG D 58 4.25 5.44 -5.94
C ARG D 58 2.97 5.48 -6.78
N HIS D 59 2.54 4.33 -7.29
CA HIS D 59 1.35 4.29 -8.13
C HIS D 59 0.07 4.31 -7.28
N THR D 60 0.08 3.63 -6.13
CA THR D 60 -1.08 3.63 -5.27
C THR D 60 -1.14 4.86 -4.36
N GLY D 61 -0.01 5.52 -4.14
CA GLY D 61 0.03 6.68 -3.27
C GLY D 61 -0.15 6.37 -1.79
N VAL D 62 0.02 5.11 -1.41
CA VAL D 62 -0.17 4.71 -0.01
CA VAL D 62 -0.17 4.71 -0.02
C VAL D 62 1.01 5.18 0.82
N LYS D 63 0.73 5.63 2.04
CA LYS D 63 1.75 6.05 3.01
C LYS D 63 1.49 5.25 4.28
N PRO D 64 2.00 4.02 4.36
CA PRO D 64 1.59 3.10 5.44
C PRO D 64 2.20 3.43 6.80
N PHE D 65 3.17 4.32 6.87
CA PHE D 65 3.93 4.56 8.09
C PHE D 65 3.65 5.97 8.60
N GLN D 66 3.07 6.05 9.79
CA GLN D 66 2.62 7.32 10.36
C GLN D 66 3.43 7.67 11.61
N CYS D 67 3.85 8.93 11.69
CA CYS D 67 4.57 9.41 12.85
C CYS D 67 3.65 9.47 14.06
N LYS D 68 4.13 8.97 15.20
CA LYS D 68 3.32 8.96 16.42
C LYS D 68 3.30 10.31 17.12
N THR D 69 4.06 11.29 16.63
CA THR D 69 4.14 12.61 17.26
C THR D 69 3.32 13.66 16.52
N CYS D 70 3.48 13.76 15.20
CA CYS D 70 2.80 14.77 14.40
C CYS D 70 1.79 14.18 13.42
N GLN D 71 1.64 12.86 13.40
CA GLN D 71 0.67 12.13 12.58
C GLN D 71 0.91 12.25 11.08
N ARG D 72 2.08 12.73 10.66
CA ARG D 72 2.40 12.75 9.24
C ARG D 72 2.66 11.32 8.76
N LYS D 73 2.17 11.02 7.57
CA LYS D 73 2.28 9.68 6.99
C LYS D 73 3.39 9.64 5.95
N PHE D 74 4.05 8.48 5.84
CA PHE D 74 5.21 8.33 4.99
C PHE D 74 5.11 7.03 4.20
N SER D 75 5.68 7.04 3.00
CA SER D 75 5.64 5.87 2.13
C SER D 75 6.55 4.75 2.61
N ARG D 76 7.58 5.06 3.39
CA ARG D 76 8.60 4.08 3.72
C ARG D 76 8.98 4.18 5.20
N SER D 77 9.32 3.03 5.78
CA SER D 77 9.60 2.97 7.21
C SER D 77 10.93 3.60 7.56
N ASP D 78 11.93 3.50 6.68
CA ASP D 78 13.22 4.11 6.96
C ASP D 78 13.13 5.63 6.96
N HIS D 79 12.28 6.19 6.09
CA HIS D 79 12.11 7.64 6.08
C HIS D 79 11.27 8.11 7.27
N LEU D 80 10.35 7.27 7.76
CA LEU D 80 9.68 7.60 9.01
C LEU D 80 10.66 7.62 10.17
N LYS D 81 11.62 6.69 10.18
CA LYS D 81 12.58 6.61 11.28
C LYS D 81 13.43 7.86 11.36
N THR D 82 13.98 8.31 10.23
CA THR D 82 14.79 9.52 10.25
C THR D 82 13.95 10.77 10.50
N HIS D 83 12.69 10.76 10.05
CA HIS D 83 11.81 11.87 10.37
C HIS D 83 11.55 11.96 11.88
N THR D 84 11.40 10.81 12.53
CA THR D 84 11.14 10.80 13.97
C THR D 84 12.30 11.42 14.74
N ARG D 85 13.52 11.32 14.21
CA ARG D 85 14.66 11.93 14.89
C ARG D 85 14.58 13.45 14.93
N THR D 86 13.76 14.05 14.07
CA THR D 86 13.53 15.49 14.16
C THR D 86 12.70 15.87 15.38
N HIS D 87 11.90 14.94 15.90
CA HIS D 87 11.16 15.18 17.13
C HIS D 87 11.99 14.83 18.36
N THR D 88 12.65 13.66 18.33
CA THR D 88 13.38 13.17 19.50
C THR D 88 14.73 13.86 19.68
N GLY D 89 15.27 14.48 18.63
CA GLY D 89 16.58 15.09 18.71
C GLY D 89 17.73 14.12 18.64
N GLU D 90 17.47 12.85 18.34
CA GLU D 90 18.54 11.85 18.23
C GLU D 90 19.41 12.16 17.03
N LYS D 91 20.73 12.20 17.24
CA LYS D 91 21.68 12.50 16.19
C LYS D 91 22.87 11.56 16.32
N PRO D 92 22.81 10.39 15.67
CA PRO D 92 23.84 9.37 15.87
C PRO D 92 25.16 9.63 15.15
N PHE D 93 25.22 10.63 14.26
CA PHE D 93 26.40 10.88 13.44
C PHE D 93 27.11 12.13 13.95
N SER D 94 28.35 11.96 14.41
CA SER D 94 29.13 13.02 15.01
C SER D 94 30.25 13.46 14.09
N CYS D 95 30.49 14.77 14.04
CA CYS D 95 31.58 15.30 13.23
C CYS D 95 32.92 14.90 13.83
N ARG D 96 33.88 14.58 12.97
CA ARG D 96 35.19 14.13 13.39
C ARG D 96 36.25 15.22 13.35
N TRP D 97 35.85 16.46 13.02
CA TRP D 97 36.79 17.57 13.07
C TRP D 97 37.03 18.00 14.52
N PRO D 98 38.26 18.43 14.84
CA PRO D 98 38.55 18.78 16.23
C PRO D 98 37.80 20.02 16.69
N SER D 99 37.47 20.02 17.98
CA SER D 99 36.81 21.15 18.65
C SER D 99 35.41 21.42 18.10
N CYS D 100 34.84 20.47 17.37
CA CYS D 100 33.50 20.60 16.81
C CYS D 100 32.65 19.43 17.30
N GLN D 101 31.62 19.73 18.07
CA GLN D 101 30.72 18.72 18.62
C GLN D 101 29.40 18.65 17.86
N LYS D 102 29.42 18.97 16.56
CA LYS D 102 28.20 18.95 15.77
C LYS D 102 27.76 17.52 15.49
N LYS D 103 26.48 17.24 15.74
CA LYS D 103 25.90 15.94 15.48
C LYS D 103 24.73 16.08 14.51
N PHE D 104 24.40 14.99 13.84
CA PHE D 104 23.40 15.01 12.77
C PHE D 104 22.58 13.74 12.81
N ALA D 105 21.34 13.84 12.28
CA ALA D 105 20.41 12.73 12.33
C ALA D 105 20.67 11.69 11.26
N ARG D 106 21.25 12.09 10.13
CA ARG D 106 21.44 11.17 9.01
C ARG D 106 22.89 11.22 8.55
N SER D 107 23.32 10.12 7.91
CA SER D 107 24.71 10.01 7.48
C SER D 107 25.03 11.01 6.38
N ASP D 108 24.10 11.21 5.43
CA ASP D 108 24.35 12.15 4.35
C ASP D 108 24.40 13.59 4.83
N GLU D 109 23.81 13.89 5.99
CA GLU D 109 23.97 15.22 6.57
C GLU D 109 25.36 15.41 7.13
N LEU D 110 25.94 14.36 7.72
CA LEU D 110 27.31 14.44 8.20
C LEU D 110 28.31 14.56 7.04
N VAL D 111 28.00 13.92 5.91
CA VAL D 111 28.90 13.99 4.75
C VAL D 111 29.01 15.42 4.25
N ARG D 112 27.88 16.11 4.12
CA ARG D 112 27.92 17.51 3.69
C ARG D 112 28.59 18.39 4.74
N HIS D 113 28.40 18.08 6.02
CA HIS D 113 29.06 18.84 7.08
C HIS D 113 30.57 18.64 7.04
N HIS D 114 31.02 17.42 6.75
CA HIS D 114 32.46 17.18 6.61
C HIS D 114 33.02 17.94 5.42
N ASN D 115 32.29 17.96 4.30
CA ASN D 115 32.72 18.76 3.16
C ASN D 115 32.69 20.25 3.47
N MET D 116 31.82 20.66 4.39
CA MET D 116 31.77 22.06 4.78
C MET D 116 33.08 22.50 5.42
N HIS D 117 33.72 21.61 6.18
CA HIS D 117 35.05 21.87 6.72
C HIS D 117 36.14 21.79 5.67
N GLN D 118 35.83 21.28 4.48
CA GLN D 118 36.84 20.91 3.48
C GLN D 118 37.83 19.90 4.07
ZN ZN G . -7.35 -3.76 -10.49
ZN ZN H . -5.52 -14.18 14.64
ZN ZN I . -32.11 -20.41 15.24
ZN ZN J . -30.88 7.47 -6.44
C1 EDO K . -12.45 2.38 1.51
O1 EDO K . -12.37 1.39 2.54
C2 EDO K . -13.85 2.38 0.92
O2 EDO K . -14.10 1.13 0.26
C1 EDO L . 1.79 -9.30 3.75
O1 EDO L . 1.92 -9.44 2.34
C2 EDO L . 2.38 -7.97 4.18
O2 EDO L . 1.74 -6.90 3.49
ZN ZN M . 5.84 1.31 -11.87
ZN ZN N . 6.42 13.62 13.02
ZN ZN O . 32.08 19.86 12.40
ZN ZN P . 31.98 -10.64 -21.98
#